data_8UGM
#
_entry.id   8UGM
#
_cell.length_a   46.723
_cell.length_b   73.971
_cell.length_c   73.183
_cell.angle_alpha   90.00
_cell.angle_beta   91.43
_cell.angle_gamma   90.00
#
_symmetry.space_group_name_H-M   'P 1 21 1'
#
loop_
_entity.id
_entity.type
_entity.pdbx_description
1 polymer 'Fluorophosphonate-binding serine hydrolase E'
2 non-polymer '1-benzothiophen-3-ylboronic acid'
3 non-polymer 'CALCIUM ION'
4 water water
#
_entity_poly.entity_id   1
_entity_poly.type   'polypeptide(L)'
_entity_poly.pdbx_seq_one_letter_code
;GPGMETLELQGAKLRYHQVGQGPVLIFIPGANGTGDIFLPLAEQLKDHFTVVAVDRRDYGESELTEPLPDSASNPDSDYR
VKRDAQDIAELAKSLSDEPVYILGSSSGSIVAMHVLKDYPEVVKKIAFHEPPINTFLPDSTYWKDKNDDIVHQILTEGLE
KGMKTFGETLNIAPIDAKMMSQPADTEEGRIEQYKRTMFWLEFEIRQYTHSNITLDDFTKYSDKITLLNGTDSRGSFPQD
VNFYINKETGIPIVDIPGGHLGYIQKPEGFADVLLNMWG
;
_entity_poly.pdbx_strand_id   A,B
#
loop_
_chem_comp.id
_chem_comp.type
_chem_comp.name
_chem_comp.formula
CA non-polymer 'CALCIUM ION' 'Ca 2'
WKK non-polymer '1-benzothiophen-3-ylboronic acid' 'C8 H7 B O2 S'
#
# COMPACT_ATOMS: atom_id res chain seq x y z
N GLY A 3 4.67 25.02 6.31
CA GLY A 3 5.97 24.69 6.99
C GLY A 3 7.12 24.48 6.03
N MET A 4 7.15 23.32 5.37
CA MET A 4 8.16 23.03 4.37
C MET A 4 7.93 23.87 3.11
N GLU A 5 8.99 24.01 2.32
CA GLU A 5 8.89 24.62 1.00
C GLU A 5 8.19 23.65 0.05
N THR A 6 7.56 24.19 -1.00
CA THR A 6 6.90 23.37 -2.01
C THR A 6 7.34 23.77 -3.41
N LEU A 7 7.63 22.77 -4.24
CA LEU A 7 7.78 22.96 -5.68
C LEU A 7 6.73 22.07 -6.34
N GLU A 8 5.85 22.66 -7.14
CA GLU A 8 4.83 21.89 -7.83
C GLU A 8 5.39 21.42 -9.16
N LEU A 9 5.37 20.11 -9.36
CA LEU A 9 5.94 19.45 -10.51
C LEU A 9 4.86 18.58 -11.14
N GLN A 10 5.16 18.02 -12.30
CA GLN A 10 4.18 17.17 -12.96
C GLN A 10 3.96 15.94 -12.10
N GLY A 11 2.71 15.75 -11.69
CA GLY A 11 2.32 14.60 -10.89
C GLY A 11 2.60 14.68 -9.40
N ALA A 12 3.15 15.77 -8.88
CA ALA A 12 3.42 15.81 -7.45
C ALA A 12 3.70 17.22 -6.95
N LYS A 13 3.44 17.41 -5.65
CA LYS A 13 3.96 18.56 -4.91
C LYS A 13 5.15 18.07 -4.11
N LEU A 14 6.33 18.57 -4.47
CA LEU A 14 7.59 18.19 -3.87
C LEU A 14 7.88 19.13 -2.70
N ARG A 15 7.98 18.56 -1.51
CA ARG A 15 8.24 19.36 -0.32
C ARG A 15 9.70 19.21 0.06
N TYR A 16 10.29 20.32 0.52
CA TYR A 16 11.68 20.26 0.94
C TYR A 16 11.92 21.25 2.07
N HIS A 17 12.98 20.95 2.82
CA HIS A 17 13.51 21.88 3.81
C HIS A 17 14.63 22.70 3.21
N GLN A 18 14.77 23.94 3.67
CA GLN A 18 15.82 24.82 3.20
C GLN A 18 16.37 25.63 4.38
N VAL A 19 17.69 25.60 4.56
CA VAL A 19 18.36 26.43 5.56
C VAL A 19 19.66 26.94 4.94
N GLY A 20 20.13 28.06 5.44
CA GLY A 20 21.51 28.46 5.17
C GLY A 20 21.60 29.50 4.06
N GLN A 21 22.84 29.81 3.74
CA GLN A 21 23.17 30.77 2.69
C GLN A 21 24.43 30.30 1.99
N GLY A 22 24.53 30.63 0.70
CA GLY A 22 25.64 30.21 -0.12
C GLY A 22 25.14 29.37 -1.28
N PRO A 23 26.06 28.73 -2.01
CA PRO A 23 25.63 27.88 -3.11
C PRO A 23 24.72 26.75 -2.65
N VAL A 24 23.84 26.32 -3.55
CA VAL A 24 22.87 25.30 -3.22
C VAL A 24 23.52 23.93 -3.12
N LEU A 25 23.18 23.20 -2.06
CA LEU A 25 23.60 21.83 -1.80
C LEU A 25 22.31 21.04 -1.54
N ILE A 26 21.99 20.12 -2.44
CA ILE A 26 20.78 19.29 -2.33
C ILE A 26 21.14 17.91 -1.76
N PHE A 27 20.46 17.54 -0.69
CA PHE A 27 20.58 16.22 -0.08
C PHE A 27 19.40 15.36 -0.54
N ILE A 28 19.70 14.17 -1.04
CA ILE A 28 18.69 13.24 -1.53
C ILE A 28 18.67 12.04 -0.59
N PRO A 29 17.55 11.78 0.10
CA PRO A 29 17.49 10.70 1.09
C PRO A 29 17.39 9.32 0.44
N GLY A 30 17.82 8.34 1.23
CA GLY A 30 17.71 6.94 0.87
C GLY A 30 16.41 6.31 1.32
N ALA A 31 16.53 5.19 2.04
CA ALA A 31 15.39 4.34 2.36
C ALA A 31 14.30 5.07 3.13
N ASN A 32 14.65 5.99 4.01
CA ASN A 32 13.60 6.66 4.76
C ASN A 32 12.80 7.66 3.91
N GLY A 33 13.35 8.11 2.78
CA GLY A 33 12.60 8.91 1.81
C GLY A 33 12.44 10.37 2.11
N THR A 34 12.86 10.84 3.30
CA THR A 34 12.52 12.18 3.77
C THR A 34 13.77 12.98 4.13
N GLY A 35 13.64 14.28 3.99
CA GLY A 35 14.78 15.15 4.20
C GLY A 35 15.08 15.51 5.62
N ASP A 36 14.14 15.27 6.56
CA ASP A 36 14.37 15.60 7.96
C ASP A 36 15.61 14.90 8.54
N ILE A 37 15.99 13.76 7.95
CA ILE A 37 17.16 13.04 8.46
C ILE A 37 18.46 13.82 8.24
N PHE A 38 18.45 14.81 7.34
CA PHE A 38 19.63 15.62 7.06
C PHE A 38 19.67 16.93 7.84
N LEU A 39 18.67 17.23 8.66
CA LEU A 39 18.60 18.57 9.23
C LEU A 39 19.71 18.84 10.23
N PRO A 40 20.11 17.88 11.09
CA PRO A 40 21.26 18.17 11.97
C PRO A 40 22.51 18.44 11.17
N LEU A 41 22.71 17.70 10.07
CA LEU A 41 23.84 17.98 9.18
C LEU A 41 23.74 19.37 8.56
N ALA A 42 22.54 19.73 8.10
CA ALA A 42 22.37 21.03 7.45
C ALA A 42 22.78 22.16 8.38
N GLU A 43 22.49 22.05 9.67
CA GLU A 43 22.90 23.07 10.62
C GLU A 43 24.40 23.27 10.64
N GLN A 44 25.17 22.21 10.41
CA GLN A 44 26.62 22.29 10.40
C GLN A 44 27.13 22.95 9.12
N LEU A 45 26.30 23.03 8.10
CA LEU A 45 26.70 23.50 6.78
C LEU A 45 26.08 24.83 6.41
N LYS A 46 25.14 25.33 7.20
CA LYS A 46 24.30 26.44 6.74
C LYS A 46 25.05 27.75 6.63
N ASP A 47 26.24 27.86 7.20
CA ASP A 47 27.06 29.05 7.00
C ASP A 47 27.77 29.07 5.66
N HIS A 48 27.85 27.92 4.98
CA HIS A 48 28.58 27.81 3.72
C HIS A 48 27.69 27.48 2.55
N PHE A 49 26.59 26.78 2.77
CA PHE A 49 25.72 26.36 1.70
C PHE A 49 24.28 26.73 2.02
N THR A 50 23.50 26.96 0.97
CA THR A 50 22.04 26.90 1.03
C THR A 50 21.66 25.42 0.95
N VAL A 51 21.36 24.81 2.11
CA VAL A 51 21.11 23.38 2.16
C VAL A 51 19.62 23.12 1.91
N VAL A 52 19.36 22.17 1.01
CA VAL A 52 18.04 21.78 0.59
C VAL A 52 17.94 20.28 0.84
N ALA A 53 16.99 19.86 1.66
CA ALA A 53 16.78 18.46 2.04
C ALA A 53 15.39 18.06 1.59
N VAL A 54 15.30 17.14 0.63
N VAL A 54 15.31 17.10 0.65
CA VAL A 54 14.06 16.88 -0.09
CA VAL A 54 14.12 16.80 -0.10
C VAL A 54 13.35 15.67 0.48
C VAL A 54 13.35 15.65 0.54
N ASP A 55 12.02 15.77 0.56
CA ASP A 55 11.14 14.61 0.72
C ASP A 55 10.85 14.13 -0.70
N ARG A 56 11.41 12.99 -1.09
CA ARG A 56 11.14 12.46 -2.43
C ARG A 56 9.63 12.26 -2.59
N ARG A 57 9.15 12.31 -3.83
CA ARG A 57 7.73 12.63 -4.04
C ARG A 57 6.77 11.57 -3.50
N ASP A 58 7.22 10.35 -3.29
CA ASP A 58 6.38 9.30 -2.73
C ASP A 58 6.44 9.23 -1.22
N TYR A 59 7.13 10.18 -0.57
CA TYR A 59 7.37 10.08 0.85
C TYR A 59 7.09 11.36 1.61
N GLY A 60 6.91 11.20 2.92
CA GLY A 60 6.85 12.35 3.81
C GLY A 60 5.73 13.30 3.48
N GLU A 61 6.07 14.57 3.43
CA GLU A 61 5.12 15.65 3.20
C GLU A 61 4.90 15.95 1.73
N SER A 62 5.73 15.41 0.84
CA SER A 62 5.42 15.44 -0.59
C SER A 62 4.14 14.65 -0.86
N GLU A 63 3.46 15.01 -1.95
CA GLU A 63 2.21 14.35 -2.29
C GLU A 63 2.09 14.18 -3.79
N LEU A 64 1.65 12.99 -4.18
CA LEU A 64 1.30 12.78 -5.58
C LEU A 64 0.01 13.49 -5.89
N THR A 65 -0.09 13.99 -7.12
CA THR A 65 -1.34 14.58 -7.60
C THR A 65 -2.04 13.66 -8.59
N GLU A 66 -1.42 12.53 -8.92
CA GLU A 66 -2.05 11.49 -9.73
C GLU A 66 -1.43 10.16 -9.31
N PRO A 67 -2.14 9.05 -9.46
CA PRO A 67 -1.60 7.78 -8.97
C PRO A 67 -0.34 7.38 -9.71
N LEU A 68 0.45 6.52 -9.07
CA LEU A 68 1.57 5.94 -9.79
C LEU A 68 1.08 5.17 -11.00
N PRO A 69 1.86 5.09 -12.07
CA PRO A 69 1.48 4.20 -13.18
C PRO A 69 1.46 2.75 -12.74
N ASP A 70 0.56 1.98 -13.34
CA ASP A 70 0.41 0.60 -12.92
C ASP A 70 1.72 -0.17 -13.09
N SER A 71 2.53 0.23 -14.07
CA SER A 71 3.76 -0.52 -14.33
C SER A 71 4.83 -0.28 -13.30
N ALA A 72 4.65 0.69 -12.37
CA ALA A 72 5.70 0.98 -11.41
C ALA A 72 5.99 -0.22 -10.51
N SER A 73 5.05 -1.14 -10.39
CA SER A 73 5.27 -2.32 -9.56
C SER A 73 6.21 -3.31 -10.22
N ASN A 74 6.40 -3.19 -11.52
CA ASN A 74 7.32 -4.08 -12.21
C ASN A 74 8.73 -3.87 -11.68
N PRO A 75 9.46 -4.94 -11.36
CA PRO A 75 10.82 -4.77 -10.83
C PRO A 75 11.78 -4.12 -11.81
N ASP A 76 11.51 -4.10 -13.11
CA ASP A 76 12.41 -3.43 -14.05
C ASP A 76 11.90 -2.06 -14.48
N SER A 77 10.88 -1.54 -13.81
CA SER A 77 10.38 -0.20 -14.17
C SER A 77 11.44 0.85 -13.90
N ASP A 78 11.59 1.80 -14.81
CA ASP A 78 12.49 2.94 -14.54
C ASP A 78 11.73 4.23 -14.29
N TYR A 79 10.40 4.16 -14.13
CA TYR A 79 9.60 5.36 -14.01
C TYR A 79 10.02 6.17 -12.78
N ARG A 80 9.98 5.55 -11.60
CA ARG A 80 10.19 6.30 -10.35
C ARG A 80 11.60 6.86 -10.24
N VAL A 81 12.63 6.07 -10.56
CA VAL A 81 13.98 6.57 -10.34
C VAL A 81 14.26 7.75 -11.28
N LYS A 82 13.78 7.67 -12.52
CA LYS A 82 13.96 8.80 -13.44
C LYS A 82 13.15 10.02 -13.01
N ARG A 83 11.93 9.79 -12.49
CA ARG A 83 11.09 10.90 -12.09
C ARG A 83 11.66 11.57 -10.83
N ASP A 84 12.21 10.78 -9.91
CA ASP A 84 12.92 11.37 -8.78
C ASP A 84 14.10 12.22 -9.24
N ALA A 85 14.86 11.75 -10.25
CA ALA A 85 15.99 12.52 -10.75
C ALA A 85 15.52 13.81 -11.39
N GLN A 86 14.45 13.74 -12.19
CA GLN A 86 13.92 14.96 -12.79
C GLN A 86 13.44 15.94 -11.72
N ASP A 87 12.89 15.43 -10.63
CA ASP A 87 12.47 16.30 -9.53
C ASP A 87 13.66 17.08 -8.99
N ILE A 88 14.79 16.41 -8.78
CA ILE A 88 15.96 17.10 -8.26
C ILE A 88 16.45 18.15 -9.25
N ALA A 89 16.49 17.78 -10.53
CA ALA A 89 16.96 18.72 -11.54
C ALA A 89 16.03 19.94 -11.62
N GLU A 90 14.73 19.74 -11.54
CA GLU A 90 13.82 20.87 -11.58
C GLU A 90 13.91 21.70 -10.31
N LEU A 91 14.18 21.05 -9.17
CA LEU A 91 14.40 21.79 -7.93
C LEU A 91 15.66 22.65 -8.04
N ALA A 92 16.75 22.06 -8.52
CA ALA A 92 17.99 22.82 -8.69
C ALA A 92 17.76 24.04 -9.58
N LYS A 93 17.07 23.85 -10.71
CA LYS A 93 16.86 24.96 -11.64
C LYS A 93 15.98 26.03 -11.03
N SER A 94 15.06 25.66 -10.13
CA SER A 94 14.18 26.63 -9.51
C SER A 94 14.91 27.47 -8.47
N LEU A 95 15.94 26.90 -7.85
CA LEU A 95 16.65 27.55 -6.76
C LEU A 95 17.94 28.23 -7.17
N SER A 96 18.49 27.92 -8.33
CA SER A 96 19.83 28.36 -8.67
C SER A 96 19.98 28.56 -10.17
N ASP A 97 20.61 29.65 -10.57
N ASP A 97 20.65 29.64 -10.56
CA ASP A 97 20.91 29.86 -11.97
CA ASP A 97 20.99 29.84 -11.96
C ASP A 97 22.21 29.17 -12.40
C ASP A 97 22.28 29.16 -12.36
N GLU A 98 22.93 28.57 -11.47
N GLU A 98 23.02 28.60 -11.38
CA GLU A 98 24.16 27.86 -11.75
CA GLU A 98 24.25 27.89 -11.59
C GLU A 98 24.06 26.41 -11.28
C GLU A 98 24.08 26.42 -11.24
N PRO A 99 24.92 25.54 -11.80
CA PRO A 99 24.93 24.14 -11.34
C PRO A 99 25.15 24.08 -9.84
N VAL A 100 24.63 23.02 -9.22
CA VAL A 100 24.58 22.93 -7.78
C VAL A 100 25.39 21.71 -7.27
N TYR A 101 25.55 21.67 -5.95
CA TYR A 101 26.16 20.55 -5.25
C TYR A 101 25.07 19.57 -4.87
N ILE A 102 25.34 18.28 -5.04
CA ILE A 102 24.34 17.24 -4.79
C ILE A 102 25.00 16.09 -4.04
N LEU A 103 24.36 15.66 -2.95
CA LEU A 103 24.74 14.43 -2.27
C LEU A 103 23.51 13.54 -2.09
N GLY A 104 23.60 12.31 -2.55
CA GLY A 104 22.60 11.31 -2.25
C GLY A 104 23.20 10.16 -1.48
N SER A 105 22.40 9.55 -0.63
CA SER A 105 22.84 8.41 0.14
C SER A 105 22.00 7.18 -0.16
N SER A 106 22.67 6.04 -0.30
CA SER A 106 22.04 4.75 -0.55
C SER A 106 21.10 4.82 -1.76
N SER A 107 19.83 4.46 -1.62
CA SER A 107 19.01 4.54 -2.84
C SER A 107 18.90 5.99 -3.35
N GLY A 108 19.09 7.00 -2.49
CA GLY A 108 19.20 8.37 -2.95
C GLY A 108 20.45 8.68 -3.74
N SER A 109 21.53 7.90 -3.53
CA SER A 109 22.69 8.08 -4.40
C SER A 109 22.40 7.58 -5.81
N ILE A 110 21.47 6.63 -5.95
CA ILE A 110 21.08 6.16 -7.26
C ILE A 110 20.24 7.21 -7.97
N VAL A 111 19.34 7.87 -7.24
CA VAL A 111 18.68 9.06 -7.79
C VAL A 111 19.73 10.04 -8.29
N ALA A 112 20.77 10.28 -7.47
CA ALA A 112 21.80 11.23 -7.86
C ALA A 112 22.51 10.79 -9.14
N MET A 113 22.78 9.49 -9.29
CA MET A 113 23.42 9.04 -10.51
C MET A 113 22.54 9.35 -11.72
N HIS A 114 21.22 9.18 -11.58
CA HIS A 114 20.32 9.49 -12.70
C HIS A 114 20.21 11.00 -12.93
N VAL A 115 20.43 11.82 -11.90
CA VAL A 115 20.47 13.25 -12.15
C VAL A 115 21.65 13.58 -13.05
N LEU A 116 22.81 12.99 -12.75
CA LEU A 116 23.99 13.25 -13.57
C LEU A 116 23.81 12.72 -14.98
N LYS A 117 23.10 11.60 -15.12
CA LYS A 117 22.91 11.01 -16.45
C LYS A 117 21.92 11.79 -17.28
N ASP A 118 20.81 12.18 -16.69
CA ASP A 118 19.73 12.80 -17.45
C ASP A 118 19.81 14.32 -17.49
N TYR A 119 20.39 14.95 -16.44
CA TYR A 119 20.37 16.40 -16.29
C TYR A 119 21.74 16.88 -15.84
N PRO A 120 22.79 16.56 -16.60
CA PRO A 120 24.14 16.93 -16.14
C PRO A 120 24.33 18.42 -15.97
N GLU A 121 23.54 19.22 -16.69
CA GLU A 121 23.63 20.67 -16.66
C GLU A 121 23.36 21.27 -15.28
N VAL A 122 22.72 20.53 -14.37
CA VAL A 122 22.50 21.06 -13.03
C VAL A 122 23.56 20.68 -12.01
N VAL A 123 24.58 19.92 -12.41
CA VAL A 123 25.53 19.35 -11.46
C VAL A 123 26.84 20.10 -11.52
N LYS A 124 27.21 20.72 -10.40
CA LYS A 124 28.57 21.26 -10.27
C LYS A 124 29.50 20.20 -9.68
N LYS A 125 29.08 19.63 -8.56
CA LYS A 125 29.78 18.55 -7.89
C LYS A 125 28.73 17.60 -7.34
N ILE A 126 29.07 16.33 -7.23
CA ILE A 126 28.11 15.32 -6.79
C ILE A 126 28.84 14.26 -5.98
N ALA A 127 28.17 13.77 -4.94
CA ALA A 127 28.72 12.72 -4.10
C ALA A 127 27.75 11.56 -4.00
N PHE A 128 28.25 10.36 -4.15
CA PHE A 128 27.45 9.15 -3.97
C PHE A 128 27.86 8.53 -2.64
N HIS A 129 27.00 8.65 -1.63
CA HIS A 129 27.30 8.10 -0.30
C HIS A 129 26.74 6.68 -0.25
N GLU A 130 27.64 5.69 -0.16
CA GLU A 130 27.34 4.27 -0.02
C GLU A 130 26.25 3.83 -0.98
N PRO A 131 26.56 3.83 -2.29
CA PRO A 131 25.60 3.39 -3.31
C PRO A 131 25.37 1.89 -3.23
N PRO A 132 24.11 1.46 -3.39
CA PRO A 132 23.79 0.01 -3.38
C PRO A 132 23.41 -0.54 -4.75
N ILE A 133 23.69 0.26 -5.79
CA ILE A 133 23.37 -0.17 -7.14
C ILE A 133 24.23 -1.36 -7.52
N ASN A 134 23.66 -2.32 -8.23
CA ASN A 134 24.44 -3.52 -8.59
C ASN A 134 24.60 -3.72 -10.10
N THR A 135 23.99 -2.89 -10.92
CA THR A 135 23.83 -3.24 -12.34
C THR A 135 25.15 -3.50 -13.04
N PHE A 136 26.16 -2.70 -12.74
CA PHE A 136 27.44 -2.78 -13.42
C PHE A 136 28.45 -3.66 -12.70
N LEU A 137 28.05 -4.32 -11.62
CA LEU A 137 29.01 -5.16 -10.91
C LEU A 137 29.25 -6.47 -11.64
N PRO A 138 30.44 -7.05 -11.48
CA PRO A 138 30.66 -8.38 -12.09
C PRO A 138 29.71 -9.43 -11.54
N ASP A 139 29.32 -9.27 -10.28
CA ASP A 139 28.39 -10.16 -9.61
C ASP A 139 27.01 -9.55 -9.47
N SER A 140 26.62 -8.71 -10.43
CA SER A 140 25.30 -8.10 -10.39
C SER A 140 24.19 -9.13 -10.17
N THR A 141 24.28 -10.28 -10.83
CA THR A 141 23.18 -11.25 -10.77
C THR A 141 22.93 -11.73 -9.35
N TYR A 142 24.00 -12.00 -8.61
CA TYR A 142 23.85 -12.47 -7.24
C TYR A 142 23.08 -11.47 -6.39
N TRP A 143 23.45 -10.19 -6.50
CA TRP A 143 22.83 -9.19 -5.64
C TRP A 143 21.42 -8.88 -6.12
N LYS A 144 21.21 -8.91 -7.44
CA LYS A 144 19.87 -8.67 -7.96
C LYS A 144 18.92 -9.78 -7.52
N ASP A 145 19.43 -11.02 -7.54
CA ASP A 145 18.61 -12.16 -7.13
C ASP A 145 18.29 -12.11 -5.63
N LYS A 146 19.25 -11.67 -4.82
CA LYS A 146 18.98 -11.51 -3.39
C LYS A 146 17.91 -10.46 -3.13
N ASN A 147 17.96 -9.33 -3.88
CA ASN A 147 16.92 -8.32 -3.75
C ASN A 147 15.57 -8.87 -4.19
N ASP A 148 15.54 -9.53 -5.36
CA ASP A 148 14.28 -10.11 -5.82
C ASP A 148 13.73 -11.12 -4.82
N ASP A 149 14.59 -11.97 -4.26
CA ASP A 149 14.05 -13.00 -3.38
C ASP A 149 13.56 -12.43 -2.05
N ILE A 150 14.21 -11.40 -1.49
CA ILE A 150 13.73 -10.87 -0.22
C ILE A 150 12.40 -10.13 -0.41
N VAL A 151 12.25 -9.42 -1.53
CA VAL A 151 10.96 -8.78 -1.81
C VAL A 151 9.88 -9.85 -1.93
N HIS A 152 10.18 -10.92 -2.67
CA HIS A 152 9.19 -11.98 -2.87
C HIS A 152 8.85 -12.66 -1.55
N GLN A 153 9.84 -12.87 -0.71
CA GLN A 153 9.59 -13.49 0.58
C GLN A 153 8.63 -12.63 1.41
N ILE A 154 8.91 -11.34 1.53
CA ILE A 154 8.19 -10.50 2.48
C ILE A 154 6.80 -10.16 1.94
N LEU A 155 6.69 -9.90 0.64
CA LEU A 155 5.47 -9.39 0.03
C LEU A 155 4.52 -10.50 -0.38
N THR A 156 5.01 -11.50 -1.09
N THR A 156 5.02 -11.51 -1.08
CA THR A 156 4.15 -12.53 -1.66
CA THR A 156 4.18 -12.53 -1.68
C THR A 156 4.08 -13.78 -0.80
C THR A 156 4.08 -13.77 -0.79
N GLU A 157 5.22 -14.36 -0.43
CA GLU A 157 5.21 -15.56 0.38
C GLU A 157 4.48 -15.33 1.69
N GLY A 158 4.76 -14.22 2.36
CA GLY A 158 4.11 -13.94 3.63
C GLY A 158 2.60 -13.89 3.51
N LEU A 159 2.11 -13.25 2.43
CA LEU A 159 0.68 -13.18 2.18
C LEU A 159 0.09 -14.57 1.92
N GLU A 160 0.72 -15.33 1.01
CA GLU A 160 0.15 -16.63 0.63
C GLU A 160 0.04 -17.56 1.83
N LYS A 161 1.11 -17.67 2.62
CA LYS A 161 1.11 -18.62 3.72
C LYS A 161 0.16 -18.17 4.82
N GLY A 162 0.11 -16.86 5.09
CA GLY A 162 -0.74 -16.38 6.17
C GLY A 162 -2.21 -16.60 5.88
N MET A 163 -2.63 -16.37 4.63
CA MET A 163 -4.05 -16.49 4.34
C MET A 163 -4.50 -17.94 4.33
N LYS A 164 -3.59 -18.86 3.98
CA LYS A 164 -3.91 -20.27 4.01
C LYS A 164 -4.15 -20.73 5.45
N THR A 165 -3.24 -20.41 6.37
CA THR A 165 -3.46 -20.93 7.71
C THR A 165 -4.62 -20.21 8.39
N PHE A 166 -4.79 -18.91 8.12
CA PHE A 166 -5.93 -18.17 8.63
C PHE A 166 -7.25 -18.81 8.17
N GLY A 167 -7.35 -19.12 6.88
CA GLY A 167 -8.56 -19.79 6.41
C GLY A 167 -8.82 -21.09 7.14
N GLU A 168 -7.78 -21.86 7.42
CA GLU A 168 -8.02 -23.14 8.09
C GLU A 168 -8.51 -22.92 9.52
N THR A 169 -7.96 -21.93 10.22
CA THR A 169 -8.40 -21.68 11.58
C THR A 169 -9.86 -21.25 11.62
N LEU A 170 -10.34 -20.57 10.57
CA LEU A 170 -11.75 -20.19 10.44
C LEU A 170 -12.60 -21.26 9.78
N ASN A 171 -12.03 -22.40 9.47
CA ASN A 171 -12.72 -23.56 8.89
C ASN A 171 -13.39 -23.19 7.58
N ILE A 172 -12.67 -22.40 6.78
CA ILE A 172 -13.12 -22.09 5.43
C ILE A 172 -13.05 -23.35 4.58
N ALA A 173 -14.09 -23.59 3.78
CA ALA A 173 -14.14 -24.77 2.92
C ALA A 173 -13.05 -24.72 1.85
N PRO A 174 -12.55 -25.87 1.45
CA PRO A 174 -11.53 -25.89 0.38
C PRO A 174 -11.89 -25.09 -0.86
N ILE A 175 -13.11 -25.24 -1.39
CA ILE A 175 -13.45 -24.55 -2.63
C ILE A 175 -13.36 -23.04 -2.44
N ASP A 176 -13.77 -22.56 -1.27
CA ASP A 176 -13.70 -21.12 -0.97
C ASP A 176 -12.25 -20.67 -0.79
N ALA A 177 -11.45 -21.46 -0.06
CA ALA A 177 -10.04 -21.14 0.12
C ALA A 177 -9.33 -21.03 -1.23
N LYS A 178 -9.63 -21.95 -2.15
CA LYS A 178 -9.01 -21.93 -3.46
C LYS A 178 -9.47 -20.75 -4.27
N MET A 179 -10.78 -20.47 -4.27
CA MET A 179 -11.31 -19.41 -5.11
C MET A 179 -10.88 -18.03 -4.63
N MET A 180 -10.84 -17.83 -3.31
CA MET A 180 -10.41 -16.56 -2.76
C MET A 180 -8.90 -16.33 -2.89
N SER A 181 -8.13 -17.39 -3.11
CA SER A 181 -6.68 -17.29 -3.24
C SER A 181 -6.19 -17.45 -4.67
N GLN A 182 -7.03 -17.95 -5.57
CA GLN A 182 -6.64 -18.32 -6.92
C GLN A 182 -5.91 -17.19 -7.65
N PRO A 183 -4.70 -17.42 -8.15
CA PRO A 183 -3.96 -16.36 -8.86
C PRO A 183 -4.66 -15.93 -10.14
N ALA A 184 -4.64 -14.63 -10.39
CA ALA A 184 -5.17 -14.10 -11.65
C ALA A 184 -4.53 -14.84 -12.83
N ASP A 185 -5.28 -14.91 -13.94
CA ASP A 185 -4.81 -15.62 -15.12
C ASP A 185 -3.78 -14.83 -15.92
N THR A 186 -3.60 -13.55 -15.61
CA THR A 186 -2.69 -12.67 -16.33
C THR A 186 -1.73 -12.05 -15.32
N GLU A 187 -0.53 -11.71 -15.78
CA GLU A 187 0.45 -11.10 -14.88
C GLU A 187 0.08 -9.65 -14.54
N GLU A 188 -0.72 -9.01 -15.38
CA GLU A 188 -1.28 -7.71 -15.02
C GLU A 188 -2.33 -7.88 -13.92
N GLY A 189 -3.13 -8.94 -14.00
CA GLY A 189 -4.14 -9.20 -12.99
C GLY A 189 -3.58 -9.67 -11.67
N ARG A 190 -2.41 -10.35 -11.69
CA ARG A 190 -1.81 -10.85 -10.46
C ARG A 190 -1.22 -9.71 -9.64
N ILE A 191 -0.76 -8.65 -10.29
CA ILE A 191 -0.21 -7.51 -9.56
C ILE A 191 -1.34 -6.70 -8.93
N GLU A 192 -2.40 -6.44 -9.70
CA GLU A 192 -3.61 -5.85 -9.14
C GLU A 192 -4.09 -6.66 -7.94
N GLN A 193 -4.14 -7.99 -8.10
CA GLN A 193 -4.70 -8.86 -7.08
C GLN A 193 -3.93 -8.75 -5.78
N TYR A 194 -2.60 -8.80 -5.86
CA TYR A 194 -1.76 -8.54 -4.69
C TYR A 194 -2.11 -7.20 -4.05
N LYS A 195 -2.15 -6.15 -4.87
CA LYS A 195 -2.48 -4.82 -4.37
C LYS A 195 -3.82 -4.82 -3.65
N ARG A 196 -4.83 -5.38 -4.32
CA ARG A 196 -6.16 -5.42 -3.73
C ARG A 196 -6.18 -6.21 -2.42
N THR A 197 -5.50 -7.35 -2.37
CA THR A 197 -5.54 -8.15 -1.16
C THR A 197 -4.80 -7.46 -0.01
N MET A 198 -3.65 -6.84 -0.29
CA MET A 198 -2.93 -6.11 0.77
C MET A 198 -3.73 -4.90 1.24
N PHE A 199 -4.40 -4.21 0.32
CA PHE A 199 -5.30 -3.13 0.74
C PHE A 199 -6.39 -3.66 1.67
N TRP A 200 -7.04 -4.75 1.28
CA TRP A 200 -8.08 -5.35 2.11
C TRP A 200 -7.53 -5.72 3.49
N LEU A 201 -6.34 -6.30 3.54
CA LEU A 201 -5.78 -6.66 4.83
C LEU A 201 -5.54 -5.42 5.68
N GLU A 202 -4.94 -4.38 5.10
CA GLU A 202 -4.55 -3.22 5.91
C GLU A 202 -5.75 -2.33 6.24
N PHE A 203 -6.69 -2.19 5.29
CA PHE A 203 -7.73 -1.17 5.39
C PHE A 203 -9.15 -1.71 5.57
N GLU A 204 -9.36 -3.02 5.46
CA GLU A 204 -10.73 -3.53 5.57
C GLU A 204 -10.93 -4.58 6.66
N ILE A 205 -10.12 -5.62 6.76
CA ILE A 205 -10.52 -6.76 7.57
C ILE A 205 -10.73 -6.33 9.03
N ARG A 206 -9.73 -5.68 9.62
CA ARG A 206 -9.84 -5.33 11.04
C ARG A 206 -10.95 -4.30 11.26
N GLN A 207 -10.98 -3.30 10.38
CA GLN A 207 -11.88 -2.17 10.54
C GLN A 207 -13.33 -2.62 10.41
N TYR A 208 -13.60 -3.51 9.46
CA TYR A 208 -14.99 -3.88 9.21
C TYR A 208 -15.46 -4.94 10.21
N THR A 209 -14.62 -5.93 10.51
CA THR A 209 -15.05 -7.04 11.36
C THR A 209 -15.20 -6.60 12.82
N HIS A 210 -14.63 -5.46 13.20
CA HIS A 210 -14.83 -4.96 14.55
C HIS A 210 -15.56 -3.61 14.54
N SER A 211 -16.42 -3.42 13.55
CA SER A 211 -17.14 -2.16 13.44
C SER A 211 -18.40 -2.13 14.30
N ASN A 212 -19.05 -0.96 14.31
CA ASN A 212 -20.08 -0.64 15.32
C ASN A 212 -21.46 -1.17 14.91
N ILE A 213 -21.64 -2.48 15.04
CA ILE A 213 -22.95 -3.13 14.91
C ILE A 213 -23.25 -3.85 16.21
N THR A 214 -24.46 -3.69 16.73
CA THR A 214 -24.90 -4.33 17.96
C THR A 214 -26.08 -5.27 17.67
N LEU A 215 -26.35 -6.18 18.61
CA LEU A 215 -27.52 -7.05 18.48
C LEU A 215 -28.80 -6.23 18.32
N ASP A 216 -28.92 -5.13 19.06
CA ASP A 216 -30.10 -4.30 19.00
C ASP A 216 -30.31 -3.69 17.61
N ASP A 217 -29.23 -3.54 16.82
CA ASP A 217 -29.40 -3.10 15.44
C ASP A 217 -30.18 -4.12 14.62
N PHE A 218 -30.03 -5.42 14.91
CA PHE A 218 -30.75 -6.48 14.20
C PHE A 218 -32.19 -6.55 14.68
N THR A 219 -32.36 -6.53 16.00
CA THR A 219 -33.69 -6.66 16.59
C THR A 219 -34.63 -5.56 16.10
N LYS A 220 -34.09 -4.35 15.88
CA LYS A 220 -34.96 -3.22 15.57
C LYS A 220 -35.60 -3.37 14.18
N TYR A 221 -34.93 -4.05 13.25
CA TYR A 221 -35.42 -4.24 11.90
C TYR A 221 -35.56 -5.71 11.57
N SER A 222 -35.90 -6.52 12.56
CA SER A 222 -35.87 -7.96 12.38
C SER A 222 -36.73 -8.38 11.19
N ASP A 223 -37.86 -7.70 10.97
N ASP A 223 -37.86 -7.71 10.97
CA ASP A 223 -38.75 -8.14 9.89
CA ASP A 223 -38.77 -8.11 9.90
C ASP A 223 -38.13 -7.96 8.51
C ASP A 223 -38.15 -7.94 8.51
N LYS A 224 -37.09 -7.13 8.37
CA LYS A 224 -36.47 -6.87 7.09
C LYS A 224 -35.34 -7.83 6.76
N ILE A 225 -34.85 -8.62 7.72
CA ILE A 225 -33.54 -9.24 7.61
C ILE A 225 -33.66 -10.74 7.34
N THR A 226 -32.85 -11.24 6.42
CA THR A 226 -32.59 -12.66 6.24
C THR A 226 -31.11 -12.93 6.45
N LEU A 227 -30.80 -13.94 7.25
CA LEU A 227 -29.43 -14.42 7.39
C LEU A 227 -29.25 -15.61 6.46
N LEU A 228 -28.14 -15.64 5.72
CA LEU A 228 -27.91 -16.70 4.74
C LEU A 228 -26.63 -17.44 5.11
N ASN A 229 -26.73 -18.76 5.21
CA ASN A 229 -25.61 -19.67 5.37
C ASN A 229 -25.49 -20.57 4.14
N GLY A 230 -24.28 -20.74 3.61
CA GLY A 230 -24.10 -21.62 2.48
C GLY A 230 -24.22 -23.08 2.86
N THR A 231 -24.73 -23.89 1.93
CA THR A 231 -24.81 -25.35 2.16
C THR A 231 -23.45 -26.02 2.10
N ASP A 232 -22.46 -25.39 1.48
CA ASP A 232 -21.16 -26.02 1.26
C ASP A 232 -20.09 -25.50 2.21
N SER A 233 -20.43 -24.60 3.10
CA SER A 233 -19.47 -23.98 4.01
C SER A 233 -19.82 -24.20 5.48
N ARG A 234 -20.55 -25.28 5.77
CA ARG A 234 -20.90 -25.58 7.15
C ARG A 234 -19.63 -25.81 7.96
N GLY A 235 -19.66 -25.38 9.22
CA GLY A 235 -18.53 -25.47 10.11
C GLY A 235 -17.64 -24.25 10.12
N SER A 236 -17.86 -23.33 9.17
CA SER A 236 -16.98 -22.17 9.08
C SER A 236 -17.42 -21.07 10.05
N PHE A 237 -16.46 -20.19 10.38
CA PHE A 237 -16.74 -19.12 11.34
C PHE A 237 -17.91 -18.22 10.97
N PRO A 238 -18.07 -17.75 9.74
CA PRO A 238 -19.22 -16.89 9.46
C PRO A 238 -20.57 -17.53 9.78
N GLN A 239 -20.67 -18.85 9.65
CA GLN A 239 -21.93 -19.48 10.00
C GLN A 239 -22.19 -19.40 11.49
N ASP A 240 -21.14 -19.47 12.30
CA ASP A 240 -21.31 -19.29 13.75
C ASP A 240 -21.77 -17.89 14.09
N VAL A 241 -21.33 -16.89 13.32
CA VAL A 241 -21.83 -15.54 13.52
C VAL A 241 -23.33 -15.50 13.28
N ASN A 242 -23.78 -16.10 12.18
CA ASN A 242 -25.22 -16.15 11.93
C ASN A 242 -25.97 -16.94 12.99
N PHE A 243 -25.40 -18.04 13.48
CA PHE A 243 -26.09 -18.79 14.53
C PHE A 243 -26.26 -17.93 15.78
N TYR A 244 -25.25 -17.12 16.10
CA TYR A 244 -25.36 -16.26 17.27
C TYR A 244 -26.42 -15.19 17.06
N ILE A 245 -26.43 -14.55 15.90
CA ILE A 245 -27.45 -13.56 15.63
C ILE A 245 -28.83 -14.19 15.78
N ASN A 246 -29.01 -15.37 15.16
CA ASN A 246 -30.29 -16.07 15.28
C ASN A 246 -30.63 -16.36 16.74
N LYS A 247 -29.64 -16.85 17.50
CA LYS A 247 -29.90 -17.20 18.91
C LYS A 247 -30.41 -16.00 19.69
N GLU A 248 -29.88 -14.83 19.42
CA GLU A 248 -30.18 -13.67 20.24
C GLU A 248 -31.34 -12.82 19.71
N THR A 249 -31.71 -12.99 18.44
CA THR A 249 -32.73 -12.16 17.82
C THR A 249 -33.91 -12.92 17.26
N GLY A 250 -33.79 -14.22 17.00
CA GLY A 250 -34.84 -14.99 16.37
C GLY A 250 -34.94 -14.80 14.87
N ILE A 251 -34.06 -13.99 14.30
CA ILE A 251 -34.10 -13.73 12.86
C ILE A 251 -33.79 -15.02 12.11
N PRO A 252 -34.57 -15.39 11.10
N PRO A 252 -34.63 -15.47 11.17
CA PRO A 252 -34.40 -16.72 10.49
CA PRO A 252 -34.40 -16.78 10.56
C PRO A 252 -33.09 -16.84 9.71
C PRO A 252 -33.12 -16.85 9.73
N ILE A 253 -32.53 -18.06 9.71
CA ILE A 253 -31.43 -18.40 8.82
C ILE A 253 -32.00 -19.21 7.68
N VAL A 254 -31.67 -18.78 6.48
CA VAL A 254 -32.05 -19.49 5.26
C VAL A 254 -30.77 -20.09 4.68
N ASP A 255 -30.81 -21.38 4.32
CA ASP A 255 -29.65 -22.03 3.70
C ASP A 255 -29.73 -21.84 2.20
N ILE A 256 -28.55 -21.64 1.60
CA ILE A 256 -28.50 -21.27 0.19
C ILE A 256 -27.32 -22.00 -0.45
N PRO A 257 -27.45 -22.49 -1.67
CA PRO A 257 -26.39 -23.32 -2.25
C PRO A 257 -25.03 -22.64 -2.35
N GLY A 258 -23.98 -23.46 -2.35
CA GLY A 258 -22.63 -22.94 -2.43
C GLY A 258 -22.02 -22.65 -1.08
N GLY A 259 -20.79 -22.14 -1.13
CA GLY A 259 -20.05 -21.84 0.08
C GLY A 259 -19.99 -20.37 0.35
N HIS A 260 -18.84 -19.89 0.86
CA HIS A 260 -18.71 -18.46 1.08
C HIS A 260 -18.87 -17.67 -0.22
N LEU A 261 -18.47 -18.26 -1.34
CA LEU A 261 -18.62 -17.67 -2.65
C LEU A 261 -19.71 -18.37 -3.46
N GLY A 262 -20.76 -18.82 -2.77
CA GLY A 262 -21.79 -19.63 -3.40
C GLY A 262 -22.50 -18.94 -4.56
N TYR A 263 -22.57 -17.61 -4.53
CA TYR A 263 -23.25 -16.86 -5.59
C TYR A 263 -22.56 -17.01 -6.94
N ILE A 264 -21.26 -17.29 -6.97
CA ILE A 264 -20.62 -17.58 -8.26
C ILE A 264 -20.34 -19.08 -8.48
N GLN A 265 -20.30 -19.88 -7.40
CA GLN A 265 -20.16 -21.33 -7.50
C GLN A 265 -21.42 -22.01 -8.03
N LYS A 266 -22.58 -21.57 -7.54
CA LYS A 266 -23.86 -22.21 -7.81
C LYS A 266 -24.91 -21.13 -8.05
N PRO A 267 -24.73 -20.35 -9.12
CA PRO A 267 -25.59 -19.17 -9.30
C PRO A 267 -27.04 -19.54 -9.56
N GLU A 268 -27.30 -20.63 -10.27
CA GLU A 268 -28.68 -21.04 -10.50
C GLU A 268 -29.37 -21.37 -9.19
N GLY A 269 -28.71 -22.16 -8.33
CA GLY A 269 -29.32 -22.52 -7.06
C GLY A 269 -29.41 -21.36 -6.10
N PHE A 270 -28.40 -20.49 -6.11
CA PHE A 270 -28.40 -19.31 -5.27
C PHE A 270 -29.57 -18.41 -5.67
N ALA A 271 -29.77 -18.18 -6.97
CA ALA A 271 -30.89 -17.38 -7.43
C ALA A 271 -32.23 -17.97 -7.01
N ASP A 272 -32.36 -19.29 -7.10
CA ASP A 272 -33.64 -19.93 -6.80
C ASP A 272 -34.08 -19.61 -5.38
N VAL A 273 -33.12 -19.56 -4.44
CA VAL A 273 -33.47 -19.24 -3.05
C VAL A 273 -33.81 -17.76 -2.92
N LEU A 274 -33.05 -16.89 -3.58
CA LEU A 274 -33.38 -15.47 -3.53
C LEU A 274 -34.75 -15.19 -4.12
N LEU A 275 -35.13 -15.94 -5.16
CA LEU A 275 -36.45 -15.73 -5.74
C LEU A 275 -37.53 -16.24 -4.79
N ASN A 276 -37.27 -17.35 -4.09
CA ASN A 276 -38.21 -17.81 -3.07
C ASN A 276 -38.39 -16.74 -1.98
N MET A 277 -37.29 -16.09 -1.60
CA MET A 277 -37.34 -15.10 -0.53
C MET A 277 -38.10 -13.86 -0.99
N TRP A 278 -37.74 -13.34 -2.18
CA TRP A 278 -38.06 -11.97 -2.54
C TRP A 278 -38.72 -11.81 -3.91
N GLY A 279 -38.87 -12.87 -4.68
CA GLY A 279 -39.48 -12.76 -5.99
C GLY A 279 -40.98 -12.75 -5.94
N GLY B 3 -19.68 -2.82 -20.07
CA GLY B 3 -20.22 -1.44 -19.91
C GLY B 3 -20.77 -1.19 -18.51
N MET B 4 -20.01 -0.47 -17.70
CA MET B 4 -20.42 -0.19 -16.33
C MET B 4 -21.06 1.19 -16.24
N GLU B 5 -21.94 1.35 -15.27
CA GLU B 5 -22.54 2.64 -14.97
C GLU B 5 -21.73 3.35 -13.89
N THR B 6 -21.94 4.66 -13.78
CA THR B 6 -21.17 5.49 -12.88
C THR B 6 -22.09 6.41 -12.08
N LEU B 7 -21.82 6.52 -10.77
CA LEU B 7 -22.48 7.49 -9.91
C LEU B 7 -21.39 8.28 -9.20
N GLU B 8 -21.36 9.60 -9.44
CA GLU B 8 -20.38 10.50 -8.85
C GLU B 8 -20.83 10.87 -7.45
N LEU B 9 -20.02 10.55 -6.44
CA LEU B 9 -20.28 10.81 -5.04
C LEU B 9 -19.13 11.61 -4.43
N GLN B 10 -19.31 12.01 -3.18
CA GLN B 10 -18.23 12.76 -2.52
C GLN B 10 -17.02 11.86 -2.39
N GLY B 11 -15.91 12.27 -2.99
CA GLY B 11 -14.67 11.52 -2.83
C GLY B 11 -14.45 10.35 -3.77
N ALA B 12 -15.43 10.00 -4.62
CA ALA B 12 -15.26 8.83 -5.46
C ALA B 12 -16.22 8.84 -6.64
N LYS B 13 -15.83 8.09 -7.68
CA LYS B 13 -16.71 7.73 -8.78
C LYS B 13 -17.04 6.26 -8.59
N LEU B 14 -18.31 5.97 -8.26
CA LEU B 14 -18.77 4.61 -7.96
C LEU B 14 -19.25 3.93 -9.23
N ARG B 15 -18.62 2.81 -9.58
CA ARG B 15 -18.96 2.09 -10.79
C ARG B 15 -19.72 0.84 -10.41
N TYR B 16 -20.69 0.47 -11.24
CA TYR B 16 -21.52 -0.68 -10.92
C TYR B 16 -22.05 -1.27 -12.22
N HIS B 17 -22.31 -2.58 -12.18
CA HIS B 17 -22.97 -3.29 -13.27
C HIS B 17 -24.48 -3.19 -13.05
N GLN B 18 -25.22 -3.04 -14.13
CA GLN B 18 -26.68 -3.02 -14.03
C GLN B 18 -27.26 -3.91 -15.13
N VAL B 19 -28.06 -4.88 -14.75
CA VAL B 19 -28.67 -5.76 -15.74
C VAL B 19 -30.05 -6.17 -15.25
N GLY B 20 -30.99 -6.19 -16.18
CA GLY B 20 -32.30 -6.72 -15.86
C GLY B 20 -33.34 -5.63 -15.76
N GLN B 21 -34.50 -6.06 -15.29
CA GLN B 21 -35.69 -5.24 -15.17
C GLN B 21 -36.43 -5.66 -13.93
N GLY B 22 -37.09 -4.70 -13.30
CA GLY B 22 -37.86 -4.96 -12.11
C GLY B 22 -37.31 -4.19 -10.92
N PRO B 23 -37.76 -4.54 -9.72
CA PRO B 23 -37.29 -3.82 -8.54
C PRO B 23 -35.78 -3.92 -8.37
N VAL B 24 -35.21 -2.88 -7.77
CA VAL B 24 -33.76 -2.82 -7.63
C VAL B 24 -33.28 -3.80 -6.56
N LEU B 25 -32.28 -4.60 -6.92
CA LEU B 25 -31.57 -5.48 -6.00
C LEU B 25 -30.08 -5.17 -6.11
N ILE B 26 -29.48 -4.71 -5.01
CA ILE B 26 -28.08 -4.30 -4.97
C ILE B 26 -27.28 -5.38 -4.28
N PHE B 27 -26.23 -5.82 -4.94
CA PHE B 27 -25.28 -6.79 -4.42
C PHE B 27 -24.00 -6.07 -4.04
N ILE B 28 -23.54 -6.32 -2.82
CA ILE B 28 -22.37 -5.70 -2.24
C ILE B 28 -21.31 -6.78 -2.06
N PRO B 29 -20.18 -6.67 -2.74
CA PRO B 29 -19.17 -7.72 -2.68
C PRO B 29 -18.36 -7.68 -1.40
N GLY B 30 -17.73 -8.83 -1.13
CA GLY B 30 -16.86 -8.96 0.02
C GLY B 30 -15.42 -8.70 -0.36
N ALA B 31 -14.55 -9.66 -0.04
CA ALA B 31 -13.12 -9.39 -0.07
C ALA B 31 -12.61 -9.05 -1.46
N ASN B 32 -13.23 -9.57 -2.52
CA ASN B 32 -12.73 -9.21 -3.85
C ASN B 32 -13.05 -7.76 -4.19
N GLY B 33 -14.07 -7.18 -3.57
CA GLY B 33 -14.38 -5.78 -3.73
C GLY B 33 -15.14 -5.39 -4.99
N THR B 34 -15.41 -6.33 -5.89
CA THR B 34 -15.93 -5.97 -7.21
C THR B 34 -17.23 -6.71 -7.52
N GLY B 35 -18.06 -6.04 -8.31
CA GLY B 35 -19.38 -6.55 -8.63
C GLY B 35 -19.38 -7.66 -9.64
N ASP B 36 -18.30 -7.85 -10.39
CA ASP B 36 -18.32 -8.81 -11.48
C ASP B 36 -18.55 -10.24 -10.99
N ILE B 37 -18.22 -10.52 -9.73
CA ILE B 37 -18.39 -11.85 -9.16
C ILE B 37 -19.86 -12.23 -9.04
N PHE B 38 -20.75 -11.25 -9.18
CA PHE B 38 -22.18 -11.48 -9.12
C PHE B 38 -22.84 -11.56 -10.51
N LEU B 39 -22.08 -11.44 -11.58
CA LEU B 39 -22.69 -11.36 -12.91
C LEU B 39 -23.35 -12.67 -13.32
N PRO B 40 -22.79 -13.85 -13.03
CA PRO B 40 -23.53 -15.08 -13.37
C PRO B 40 -24.82 -15.19 -12.58
N LEU B 41 -24.80 -14.73 -11.32
CA LEU B 41 -26.04 -14.70 -10.53
C LEU B 41 -27.02 -13.69 -11.13
N ALA B 42 -26.50 -12.53 -11.54
CA ALA B 42 -27.38 -11.52 -12.12
C ALA B 42 -28.14 -12.08 -13.32
N GLU B 43 -27.45 -12.86 -14.16
CA GLU B 43 -28.06 -13.45 -15.35
C GLU B 43 -29.28 -14.29 -14.97
N GLN B 44 -29.24 -14.94 -13.81
CA GLN B 44 -30.34 -15.77 -13.36
C GLN B 44 -31.49 -14.97 -12.77
N LEU B 45 -31.25 -13.72 -12.41
CA LEU B 45 -32.23 -12.89 -11.73
C LEU B 45 -32.83 -11.80 -12.61
N LYS B 46 -32.27 -11.57 -13.79
CA LYS B 46 -32.54 -10.34 -14.54
C LYS B 46 -33.96 -10.27 -15.08
N ASP B 47 -34.70 -11.36 -15.06
CA ASP B 47 -36.08 -11.26 -15.50
C ASP B 47 -37.00 -10.86 -14.38
N HIS B 48 -36.48 -10.74 -13.14
CA HIS B 48 -37.28 -10.38 -11.99
C HIS B 48 -36.79 -9.14 -11.25
N PHE B 49 -35.51 -8.81 -11.38
CA PHE B 49 -34.91 -7.69 -10.67
C PHE B 49 -34.05 -6.86 -11.62
N THR B 50 -33.99 -5.57 -11.34
CA THR B 50 -32.91 -4.72 -11.87
C THR B 50 -31.73 -4.99 -10.94
N VAL B 51 -30.81 -5.83 -11.38
CA VAL B 51 -29.68 -6.23 -10.54
C VAL B 51 -28.57 -5.21 -10.67
N VAL B 52 -28.02 -4.79 -9.55
CA VAL B 52 -27.00 -3.75 -9.47
C VAL B 52 -25.86 -4.37 -8.66
N ALA B 53 -24.70 -4.52 -9.28
CA ALA B 53 -23.55 -5.18 -8.64
C ALA B 53 -22.42 -4.16 -8.60
N VAL B 54 -22.05 -3.75 -7.37
N VAL B 54 -22.06 -3.73 -7.39
CA VAL B 54 -21.21 -2.59 -7.15
CA VAL B 54 -21.21 -2.56 -7.21
C VAL B 54 -19.74 -2.98 -7.08
C VAL B 54 -19.75 -2.96 -7.08
N ASP B 55 -18.88 -2.14 -7.67
CA ASP B 55 -17.44 -2.12 -7.32
C ASP B 55 -17.36 -1.12 -6.16
N ARG B 56 -17.10 -1.60 -4.95
CA ARG B 56 -16.97 -0.64 -3.85
C ARG B 56 -15.82 0.31 -4.16
N ARG B 57 -15.88 1.52 -3.58
CA ARG B 57 -15.16 2.65 -4.20
C ARG B 57 -13.64 2.51 -4.21
N ASP B 58 -13.08 1.68 -3.31
CA ASP B 58 -11.65 1.46 -3.31
C ASP B 58 -11.21 0.34 -4.26
N TYR B 59 -12.12 -0.22 -5.06
CA TYR B 59 -11.78 -1.39 -5.84
C TYR B 59 -12.25 -1.31 -7.29
N GLY B 60 -11.65 -2.15 -8.11
CA GLY B 60 -12.18 -2.36 -9.46
C GLY B 60 -12.17 -1.10 -10.29
N GLU B 61 -13.28 -0.86 -10.98
CA GLU B 61 -13.37 0.27 -11.90
C GLU B 61 -13.87 1.53 -11.21
N SER B 62 -14.27 1.45 -9.93
CA SER B 62 -14.48 2.65 -9.15
C SER B 62 -13.16 3.36 -8.96
N GLU B 63 -13.24 4.64 -8.65
CA GLU B 63 -12.04 5.41 -8.38
C GLU B 63 -12.28 6.49 -7.34
N LEU B 64 -11.30 6.65 -6.46
CA LEU B 64 -11.32 7.76 -5.52
C LEU B 64 -10.96 9.05 -6.25
N THR B 65 -11.60 10.15 -5.86
CA THR B 65 -11.26 11.46 -6.39
C THR B 65 -10.55 12.32 -5.35
N GLU B 66 -10.35 11.82 -4.14
CA GLU B 66 -9.57 12.50 -3.13
C GLU B 66 -9.02 11.41 -2.23
N PRO B 67 -7.84 11.63 -1.63
CA PRO B 67 -7.18 10.56 -0.87
C PRO B 67 -7.99 10.12 0.32
N LEU B 68 -7.79 8.85 0.70
CA LEU B 68 -8.32 8.38 1.98
C LEU B 68 -7.79 9.25 3.11
N PRO B 69 -8.56 9.43 4.18
CA PRO B 69 -8.01 10.12 5.36
C PRO B 69 -6.81 9.34 5.87
N ASP B 70 -5.83 10.08 6.41
CA ASP B 70 -4.62 9.42 6.90
C ASP B 70 -4.98 8.39 7.97
N SER B 71 -6.09 8.59 8.66
CA SER B 71 -6.48 7.72 9.76
C SER B 71 -7.06 6.38 9.30
N ALA B 72 -7.36 6.23 8.01
CA ALA B 72 -7.98 4.99 7.55
C ALA B 72 -7.10 3.79 7.82
N SER B 73 -5.77 3.98 7.94
CA SER B 73 -4.94 2.83 8.21
C SER B 73 -5.01 2.37 9.67
N ASN B 74 -5.56 3.19 10.55
CA ASN B 74 -5.74 2.75 11.93
C ASN B 74 -6.74 1.62 12.00
N PRO B 75 -6.46 0.57 12.79
CA PRO B 75 -7.39 -0.58 12.76
C PRO B 75 -8.74 -0.31 13.36
N ASP B 76 -8.91 0.75 14.16
CA ASP B 76 -10.25 1.05 14.66
C ASP B 76 -10.92 2.19 13.90
N SER B 77 -10.38 2.55 12.74
CA SER B 77 -11.08 3.50 11.86
C SER B 77 -12.40 2.93 11.41
N ASP B 78 -13.42 3.79 11.36
CA ASP B 78 -14.70 3.42 10.78
C ASP B 78 -14.99 4.20 9.50
N TYR B 79 -14.02 4.97 9.00
CA TYR B 79 -14.30 5.83 7.86
C TYR B 79 -14.82 5.02 6.66
N ARG B 80 -14.08 3.96 6.30
CA ARG B 80 -14.36 3.29 5.03
C ARG B 80 -15.71 2.54 5.06
N VAL B 81 -16.01 1.84 6.14
CA VAL B 81 -17.25 1.06 6.16
C VAL B 81 -18.44 2.00 6.12
N LYS B 82 -18.35 3.14 6.81
CA LYS B 82 -19.45 4.09 6.83
C LYS B 82 -19.60 4.76 5.46
N ARG B 83 -18.49 5.04 4.78
CA ARG B 83 -18.57 5.62 3.44
C ARG B 83 -19.11 4.61 2.43
N ASP B 84 -18.73 3.33 2.57
CA ASP B 84 -19.29 2.30 1.71
C ASP B 84 -20.80 2.21 1.90
N ALA B 85 -21.27 2.23 3.14
CA ALA B 85 -22.71 2.18 3.38
C ALA B 85 -23.41 3.41 2.81
N GLN B 86 -22.80 4.59 2.97
CA GLN B 86 -23.40 5.80 2.41
C GLN B 86 -23.45 5.72 0.89
N ASP B 87 -22.42 5.15 0.26
CA ASP B 87 -22.46 4.94 -1.19
C ASP B 87 -23.67 4.11 -1.61
N ILE B 88 -23.94 3.01 -0.90
CA ILE B 88 -25.06 2.14 -1.26
C ILE B 88 -26.37 2.88 -1.08
N ALA B 89 -26.50 3.62 0.03
CA ALA B 89 -27.73 4.40 0.22
C ALA B 89 -27.92 5.46 -0.87
N GLU B 90 -26.85 6.14 -1.28
CA GLU B 90 -26.97 7.13 -2.33
C GLU B 90 -27.26 6.47 -3.68
N LEU B 91 -26.64 5.31 -3.93
CA LEU B 91 -26.97 4.55 -5.15
C LEU B 91 -28.43 4.14 -5.16
N ALA B 92 -28.90 3.56 -4.05
CA ALA B 92 -30.30 3.16 -3.97
C ALA B 92 -31.23 4.33 -4.31
N LYS B 93 -30.96 5.50 -3.72
CA LYS B 93 -31.83 6.67 -3.94
C LYS B 93 -31.79 7.11 -5.39
N SER B 94 -30.63 6.99 -6.03
CA SER B 94 -30.49 7.35 -7.43
C SER B 94 -31.19 6.39 -8.38
N LEU B 95 -31.42 5.15 -7.99
CA LEU B 95 -32.00 4.17 -8.89
C LEU B 95 -33.47 3.87 -8.60
N SER B 96 -33.98 4.28 -7.45
CA SER B 96 -35.31 3.86 -7.05
C SER B 96 -35.94 4.92 -6.16
N ASP B 97 -37.22 5.17 -6.38
CA ASP B 97 -37.97 5.97 -5.42
C ASP B 97 -38.45 5.16 -4.23
N GLU B 98 -38.56 3.85 -4.37
CA GLU B 98 -38.94 2.96 -3.29
C GLU B 98 -37.71 2.41 -2.59
N PRO B 99 -37.84 1.94 -1.35
CA PRO B 99 -36.73 1.16 -0.76
C PRO B 99 -36.45 -0.07 -1.61
N VAL B 100 -35.20 -0.54 -1.54
CA VAL B 100 -34.69 -1.58 -2.45
C VAL B 100 -34.29 -2.82 -1.68
N TYR B 101 -34.00 -3.88 -2.45
CA TYR B 101 -33.50 -5.14 -1.92
C TYR B 101 -31.97 -5.06 -1.93
N ILE B 102 -31.36 -5.54 -0.85
CA ILE B 102 -29.91 -5.49 -0.70
C ILE B 102 -29.40 -6.82 -0.20
N LEU B 103 -28.31 -7.30 -0.79
CA LEU B 103 -27.62 -8.48 -0.29
C LEU B 103 -26.12 -8.18 -0.27
N GLY B 104 -25.51 -8.35 0.89
CA GLY B 104 -24.07 -8.29 0.98
C GLY B 104 -23.48 -9.61 1.44
N SER B 105 -22.27 -9.90 0.97
CA SER B 105 -21.61 -11.13 1.37
C SER B 105 -20.27 -10.84 2.04
N SER B 106 -20.05 -11.53 3.16
CA SER B 106 -18.80 -11.48 3.92
C SER B 106 -18.55 -10.03 4.35
N SER B 107 -17.39 -9.44 4.06
CA SER B 107 -17.23 -8.04 4.47
C SER B 107 -18.29 -7.15 3.83
N GLY B 108 -18.84 -7.55 2.67
CA GLY B 108 -19.91 -6.76 2.09
C GLY B 108 -21.23 -6.85 2.86
N SER B 109 -21.44 -7.96 3.58
CA SER B 109 -22.59 -8.04 4.50
C SER B 109 -22.44 -7.06 5.64
N ILE B 110 -21.21 -6.77 6.06
CA ILE B 110 -21.00 -5.73 7.07
C ILE B 110 -21.35 -4.36 6.52
N VAL B 111 -20.95 -4.05 5.28
CA VAL B 111 -21.43 -2.84 4.65
C VAL B 111 -22.95 -2.78 4.71
N ALA B 112 -23.60 -3.89 4.33
CA ALA B 112 -25.06 -3.94 4.32
C ALA B 112 -25.61 -3.66 5.72
N MET B 113 -24.95 -4.16 6.76
CA MET B 113 -25.41 -3.90 8.10
C MET B 113 -25.41 -2.40 8.42
N HIS B 114 -24.36 -1.70 8.01
CA HIS B 114 -24.29 -0.26 8.24
C HIS B 114 -25.25 0.51 7.35
N VAL B 115 -25.66 -0.02 6.19
CA VAL B 115 -26.69 0.63 5.42
C VAL B 115 -27.98 0.62 6.21
N LEU B 116 -28.32 -0.52 6.78
CA LEU B 116 -29.55 -0.64 7.55
C LEU B 116 -29.49 0.25 8.78
N LYS B 117 -28.33 0.34 9.43
CA LYS B 117 -28.25 1.09 10.69
C LYS B 117 -28.31 2.60 10.45
N ASP B 118 -27.67 3.09 9.41
CA ASP B 118 -27.59 4.52 9.19
C ASP B 118 -28.57 5.04 8.13
N TYR B 119 -29.09 4.17 7.26
CA TYR B 119 -30.00 4.57 6.20
C TYR B 119 -31.14 3.57 6.03
N PRO B 120 -31.85 3.25 7.12
CA PRO B 120 -32.91 2.24 7.02
C PRO B 120 -33.98 2.58 5.98
N GLU B 121 -34.12 3.87 5.62
CA GLU B 121 -35.19 4.28 4.72
C GLU B 121 -35.02 3.74 3.30
N VAL B 122 -33.80 3.32 2.92
CA VAL B 122 -33.59 2.80 1.59
C VAL B 122 -33.75 1.28 1.54
N VAL B 123 -34.01 0.62 2.68
CA VAL B 123 -34.00 -0.83 2.75
C VAL B 123 -35.43 -1.37 2.77
N LYS B 124 -35.78 -2.12 1.73
CA LYS B 124 -37.02 -2.89 1.76
C LYS B 124 -36.82 -4.21 2.48
N LYS B 125 -35.87 -5.01 1.98
CA LYS B 125 -35.44 -6.27 2.59
C LYS B 125 -33.94 -6.35 2.43
N ILE B 126 -33.28 -7.05 3.34
CA ILE B 126 -31.83 -7.12 3.28
C ILE B 126 -31.38 -8.51 3.73
N ALA B 127 -30.32 -8.97 3.11
CA ALA B 127 -29.75 -10.25 3.45
C ALA B 127 -28.28 -10.14 3.75
N PHE B 128 -27.88 -10.81 4.84
CA PHE B 128 -26.48 -10.85 5.25
C PHE B 128 -26.01 -12.26 4.98
N HIS B 129 -25.19 -12.41 3.94
CA HIS B 129 -24.66 -13.69 3.58
C HIS B 129 -23.32 -13.87 4.28
N GLU B 130 -23.25 -14.83 5.18
CA GLU B 130 -22.03 -15.26 5.88
C GLU B 130 -21.22 -14.07 6.37
N PRO B 131 -21.77 -13.36 7.34
CA PRO B 131 -21.07 -12.21 7.93
C PRO B 131 -19.90 -12.68 8.79
N PRO B 132 -18.77 -11.95 8.73
CA PRO B 132 -17.61 -12.27 9.58
C PRO B 132 -17.38 -11.24 10.67
N ILE B 133 -18.37 -10.41 10.95
CA ILE B 133 -18.24 -9.41 12.01
C ILE B 133 -18.20 -10.08 13.37
N ASN B 134 -17.36 -9.58 14.25
CA ASN B 134 -17.22 -10.22 15.54
C ASN B 134 -17.60 -9.33 16.71
N THR B 135 -18.01 -8.07 16.47
CA THR B 135 -17.98 -7.09 17.56
C THR B 135 -18.91 -7.44 18.69
N PHE B 136 -20.08 -7.99 18.36
CA PHE B 136 -21.13 -8.31 19.32
C PHE B 136 -21.08 -9.75 19.80
N LEU B 137 -20.08 -10.52 19.38
CA LEU B 137 -19.99 -11.92 19.79
C LEU B 137 -19.52 -12.01 21.25
N PRO B 138 -19.95 -13.05 21.97
CA PRO B 138 -19.47 -13.26 23.35
C PRO B 138 -17.98 -13.49 23.44
N ASP B 139 -17.34 -13.89 22.34
CA ASP B 139 -15.91 -14.17 22.29
C ASP B 139 -15.28 -13.22 21.29
N SER B 140 -15.78 -11.98 21.27
CA SER B 140 -15.28 -11.03 20.29
C SER B 140 -13.80 -10.80 20.44
N THR B 141 -13.30 -10.70 21.68
CA THR B 141 -11.87 -10.46 21.89
C THR B 141 -11.02 -11.52 21.22
N TYR B 142 -11.44 -12.79 21.30
CA TYR B 142 -10.73 -13.89 20.66
C TYR B 142 -10.60 -13.69 19.16
N TRP B 143 -11.70 -13.39 18.48
CA TRP B 143 -11.66 -13.25 17.03
C TRP B 143 -10.98 -11.93 16.63
N LYS B 144 -11.22 -10.86 17.38
CA LYS B 144 -10.59 -9.58 17.04
C LYS B 144 -9.08 -9.69 17.14
N ASP B 145 -8.57 -10.23 18.27
CA ASP B 145 -7.13 -10.28 18.41
C ASP B 145 -6.53 -11.22 17.36
N LYS B 146 -7.30 -12.15 16.84
CA LYS B 146 -6.76 -13.04 15.82
C LYS B 146 -6.71 -12.38 14.45
N ASN B 147 -7.72 -11.58 14.10
CA ASN B 147 -7.61 -10.77 12.90
C ASN B 147 -6.44 -9.80 13.02
N ASP B 148 -6.30 -9.15 14.17
CA ASP B 148 -5.16 -8.26 14.34
C ASP B 148 -3.85 -9.00 14.16
N ASP B 149 -3.76 -10.22 14.69
CA ASP B 149 -2.52 -10.97 14.59
C ASP B 149 -2.19 -11.38 13.15
N ILE B 150 -3.19 -11.82 12.38
CA ILE B 150 -2.85 -12.23 11.02
C ILE B 150 -2.34 -11.03 10.22
N VAL B 151 -2.94 -9.86 10.43
CA VAL B 151 -2.46 -8.67 9.74
C VAL B 151 -1.05 -8.32 10.20
N HIS B 152 -0.84 -8.31 11.51
CA HIS B 152 0.48 -8.00 12.03
C HIS B 152 1.53 -8.96 11.49
N GLN B 153 1.18 -10.25 11.37
CA GLN B 153 2.15 -11.23 10.88
C GLN B 153 2.55 -10.94 9.45
N ILE B 154 1.59 -10.59 8.59
CA ILE B 154 1.89 -10.43 7.17
C ILE B 154 2.53 -9.08 6.89
N LEU B 155 2.02 -8.02 7.51
CA LEU B 155 2.57 -6.69 7.27
C LEU B 155 3.88 -6.47 8.02
N THR B 156 3.90 -6.77 9.31
CA THR B 156 4.99 -6.35 10.20
C THR B 156 6.04 -7.44 10.42
N GLU B 157 5.64 -8.63 10.87
CA GLU B 157 6.65 -9.60 11.28
C GLU B 157 7.42 -10.16 10.08
N GLY B 158 6.74 -10.34 8.94
CA GLY B 158 7.45 -10.82 7.76
C GLY B 158 8.53 -9.85 7.34
N LEU B 159 8.25 -8.56 7.48
CA LEU B 159 9.22 -7.53 7.13
C LEU B 159 10.38 -7.51 8.13
N GLU B 160 10.05 -7.52 9.43
CA GLU B 160 11.07 -7.58 10.47
C GLU B 160 12.04 -8.72 10.23
N LYS B 161 11.52 -9.93 10.06
CA LYS B 161 12.38 -11.10 9.94
C LYS B 161 13.16 -11.06 8.64
N GLY B 162 12.52 -10.63 7.54
CA GLY B 162 13.22 -10.56 6.27
C GLY B 162 14.36 -9.54 6.27
N MET B 163 14.08 -8.34 6.78
CA MET B 163 15.08 -7.29 6.73
C MET B 163 16.26 -7.66 7.62
N LYS B 164 16.04 -8.44 8.68
CA LYS B 164 17.15 -8.90 9.51
C LYS B 164 18.10 -9.78 8.71
N THR B 165 17.55 -10.77 8.02
CA THR B 165 18.40 -11.66 7.23
C THR B 165 19.07 -10.91 6.09
N PHE B 166 18.31 -10.02 5.45
CA PHE B 166 18.84 -9.19 4.38
C PHE B 166 20.04 -8.40 4.84
N GLY B 167 19.94 -7.78 6.02
CA GLY B 167 21.06 -7.02 6.55
C GLY B 167 22.28 -7.89 6.80
N GLU B 168 22.08 -9.15 7.13
CA GLU B 168 23.24 -10.02 7.31
C GLU B 168 23.85 -10.42 5.96
N THR B 169 23.03 -10.55 4.92
CA THR B 169 23.55 -10.83 3.58
C THR B 169 24.39 -9.66 3.08
N LEU B 170 23.97 -8.44 3.42
CA LEU B 170 24.65 -7.22 3.00
C LEU B 170 25.75 -6.79 3.97
N ASN B 171 25.90 -7.50 5.09
N ASN B 171 25.97 -7.53 5.06
CA ASN B 171 26.89 -7.19 6.12
CA ASN B 171 26.91 -7.17 6.12
C ASN B 171 26.74 -5.74 6.58
C ASN B 171 26.73 -5.72 6.58
N ILE B 172 25.48 -5.33 6.78
CA ILE B 172 25.19 -4.01 7.31
C ILE B 172 25.70 -3.93 8.74
N ALA B 173 26.24 -2.78 9.09
CA ALA B 173 26.75 -2.56 10.43
C ALA B 173 25.61 -2.61 11.44
N PRO B 174 25.83 -3.20 12.61
CA PRO B 174 24.78 -3.24 13.63
C PRO B 174 24.16 -1.89 13.95
N ILE B 175 24.97 -0.84 14.01
CA ILE B 175 24.43 0.49 14.34
C ILE B 175 23.41 0.91 13.28
N ASP B 176 23.70 0.63 12.01
CA ASP B 176 22.77 0.99 10.93
C ASP B 176 21.56 0.07 10.95
N ALA B 177 21.76 -1.23 11.14
CA ALA B 177 20.62 -2.14 11.20
C ALA B 177 19.63 -1.68 12.27
N LYS B 178 20.13 -1.40 13.48
CA LYS B 178 19.26 -0.97 14.55
C LYS B 178 18.51 0.31 14.17
N MET B 179 19.25 1.29 13.65
CA MET B 179 18.65 2.60 13.37
C MET B 179 17.64 2.51 12.23
N MET B 180 17.93 1.72 11.20
CA MET B 180 17.01 1.65 10.07
C MET B 180 15.74 0.86 10.39
N SER B 181 15.78 0.03 11.44
CA SER B 181 14.63 -0.79 11.83
C SER B 181 13.97 -0.38 13.13
N GLN B 182 14.61 0.49 13.92
CA GLN B 182 14.08 0.99 15.19
C GLN B 182 12.60 1.31 15.12
N PRO B 183 11.75 0.65 15.90
CA PRO B 183 10.33 1.03 15.92
C PRO B 183 10.15 2.48 16.33
N ALA B 184 9.34 3.20 15.56
CA ALA B 184 8.95 4.56 15.91
C ALA B 184 8.29 4.60 17.28
N ASP B 185 8.22 5.80 17.85
CA ASP B 185 7.84 5.94 19.24
C ASP B 185 6.34 6.12 19.45
N THR B 186 5.55 6.26 18.40
CA THR B 186 4.09 6.29 18.52
C THR B 186 3.49 5.13 17.74
N GLU B 187 2.28 4.73 18.14
CA GLU B 187 1.57 3.70 17.40
C GLU B 187 1.36 4.13 15.95
N GLU B 188 0.93 5.38 15.74
CA GLU B 188 0.75 5.84 14.37
C GLU B 188 2.07 5.97 13.62
N GLY B 189 3.15 6.32 14.31
CA GLY B 189 4.44 6.36 13.66
C GLY B 189 4.90 4.97 13.21
N ARG B 190 4.54 3.93 13.98
CA ARG B 190 4.89 2.57 13.58
C ARG B 190 4.10 2.14 12.37
N ILE B 191 2.84 2.57 12.27
CA ILE B 191 2.05 2.26 11.09
C ILE B 191 2.68 2.90 9.86
N GLU B 192 2.99 4.20 9.94
CA GLU B 192 3.64 4.90 8.82
C GLU B 192 4.99 4.28 8.47
N GLN B 193 5.75 3.88 9.48
CA GLN B 193 7.07 3.30 9.26
C GLN B 193 6.98 2.02 8.45
N TYR B 194 6.09 1.14 8.81
CA TYR B 194 6.00 -0.12 8.07
C TYR B 194 5.36 0.10 6.70
N LYS B 195 4.45 1.07 6.56
CA LYS B 195 3.90 1.36 5.24
C LYS B 195 5.01 1.87 4.31
N ARG B 196 5.88 2.73 4.83
CA ARG B 196 6.98 3.26 4.05
C ARG B 196 7.96 2.17 3.64
N THR B 197 8.28 1.24 4.55
CA THR B 197 9.22 0.20 4.15
C THR B 197 8.58 -0.76 3.15
N MET B 198 7.31 -1.09 3.34
CA MET B 198 6.62 -1.96 2.37
C MET B 198 6.61 -1.29 0.99
N PHE B 199 6.40 0.02 0.95
CA PHE B 199 6.41 0.73 -0.31
C PHE B 199 7.79 0.65 -0.94
N TRP B 200 8.82 0.94 -0.15
CA TRP B 200 10.20 0.89 -0.62
C TRP B 200 10.53 -0.49 -1.17
N LEU B 201 10.08 -1.55 -0.49
CA LEU B 201 10.36 -2.92 -0.96
C LEU B 201 9.70 -3.21 -2.30
N GLU B 202 8.46 -2.79 -2.47
CA GLU B 202 7.76 -3.09 -3.72
C GLU B 202 8.22 -2.18 -4.85
N PHE B 203 8.44 -0.90 -4.56
CA PHE B 203 8.54 0.10 -5.62
C PHE B 203 9.91 0.73 -5.76
N GLU B 204 10.86 0.45 -4.86
CA GLU B 204 12.14 1.11 -4.95
C GLU B 204 13.34 0.17 -5.03
N ILE B 205 13.45 -0.80 -4.13
CA ILE B 205 14.74 -1.50 -4.01
C ILE B 205 15.13 -2.15 -5.33
N ARG B 206 14.24 -2.94 -5.93
CA ARG B 206 14.61 -3.67 -7.14
C ARG B 206 14.81 -2.72 -8.30
N GLN B 207 13.88 -1.79 -8.47
CA GLN B 207 13.90 -0.90 -9.61
C GLN B 207 15.13 0.01 -9.61
N TYR B 208 15.53 0.48 -8.42
CA TYR B 208 16.63 1.44 -8.34
C TYR B 208 17.97 0.73 -8.41
N THR B 209 18.13 -0.37 -7.64
CA THR B 209 19.44 -1.02 -7.60
C THR B 209 19.81 -1.77 -8.86
N HIS B 210 18.85 -2.07 -9.73
CA HIS B 210 19.17 -2.65 -11.03
C HIS B 210 18.81 -1.69 -12.18
N SER B 211 18.84 -0.38 -11.90
CA SER B 211 18.58 0.64 -12.90
C SER B 211 19.76 0.82 -13.84
N ASN B 212 19.50 1.52 -14.95
CA ASN B 212 20.45 1.55 -16.05
C ASN B 212 21.48 2.65 -15.88
N ILE B 213 22.51 2.32 -15.09
CA ILE B 213 23.71 3.13 -14.87
C ILE B 213 24.90 2.27 -15.22
N THR B 214 25.80 2.79 -16.04
CA THR B 214 27.02 2.07 -16.35
C THR B 214 28.20 2.87 -15.83
N LEU B 215 29.36 2.22 -15.79
CA LEU B 215 30.55 2.96 -15.35
C LEU B 215 30.89 4.06 -16.35
N ASP B 216 30.55 3.86 -17.63
CA ASP B 216 30.74 4.90 -18.62
C ASP B 216 30.00 6.18 -18.23
N ASP B 217 28.86 6.04 -17.54
CA ASP B 217 28.08 7.20 -17.13
C ASP B 217 28.86 8.06 -16.15
N PHE B 218 29.78 7.46 -15.40
CA PHE B 218 30.61 8.19 -14.44
C PHE B 218 31.87 8.75 -15.07
N THR B 219 32.50 7.99 -15.96
CA THR B 219 33.78 8.45 -16.49
C THR B 219 33.61 9.73 -17.29
N LYS B 220 32.42 9.96 -17.84
CA LYS B 220 32.20 11.19 -18.59
C LYS B 220 32.33 12.44 -17.72
N TYR B 221 32.00 12.32 -16.42
CA TYR B 221 32.06 13.45 -15.51
C TYR B 221 32.94 13.13 -14.29
N SER B 222 33.98 12.34 -14.49
CA SER B 222 34.74 11.83 -13.35
C SER B 222 35.22 12.94 -12.43
N ASP B 223 35.55 14.12 -12.98
CA ASP B 223 36.10 15.18 -12.16
C ASP B 223 35.11 15.75 -11.14
N LYS B 224 33.81 15.55 -11.35
CA LYS B 224 32.80 16.10 -10.45
C LYS B 224 32.36 15.16 -9.35
N ILE B 225 32.79 13.92 -9.39
CA ILE B 225 32.23 12.86 -8.56
C ILE B 225 33.15 12.52 -7.39
N THR B 226 32.55 12.38 -6.22
CA THR B 226 33.16 11.81 -5.03
C THR B 226 32.35 10.62 -4.55
N LEU B 227 33.05 9.51 -4.26
CA LEU B 227 32.44 8.34 -3.61
C LEU B 227 32.71 8.44 -2.12
N LEU B 228 31.68 8.24 -1.30
CA LEU B 228 31.82 8.32 0.15
C LEU B 228 31.58 6.97 0.80
N ASN B 229 32.53 6.55 1.65
CA ASN B 229 32.42 5.37 2.50
C ASN B 229 32.39 5.81 3.97
N GLY B 230 31.44 5.27 4.73
CA GLY B 230 31.42 5.53 6.15
C GLY B 230 32.52 4.76 6.87
N THR B 231 33.06 5.37 7.92
CA THR B 231 34.08 4.66 8.68
C THR B 231 33.51 3.66 9.69
N ASP B 232 32.19 3.68 9.94
CA ASP B 232 31.56 2.80 10.91
C ASP B 232 30.78 1.69 10.21
N SER B 233 30.89 1.59 8.89
CA SER B 233 30.14 0.63 8.07
C SER B 233 31.10 -0.19 7.21
N ARG B 234 32.34 -0.33 7.65
CA ARG B 234 33.27 -1.17 6.93
C ARG B 234 32.74 -2.59 6.75
N GLY B 235 33.04 -3.17 5.59
CA GLY B 235 32.67 -4.53 5.25
C GLY B 235 31.30 -4.69 4.65
N SER B 236 30.53 -3.62 4.57
CA SER B 236 29.17 -3.68 4.08
C SER B 236 29.14 -3.61 2.56
N PHE B 237 28.04 -4.10 1.99
CA PHE B 237 27.94 -4.18 0.54
C PHE B 237 28.15 -2.85 -0.17
N PRO B 238 27.58 -1.72 0.28
CA PRO B 238 27.77 -0.48 -0.48
C PRO B 238 29.23 -0.08 -0.56
N GLN B 239 30.05 -0.43 0.43
CA GLN B 239 31.45 -0.06 0.31
C GLN B 239 32.11 -0.84 -0.81
N ASP B 240 31.69 -2.10 -0.99
CA ASP B 240 32.24 -2.89 -2.08
C ASP B 240 31.88 -2.30 -3.43
N VAL B 241 30.66 -1.73 -3.54
CA VAL B 241 30.27 -1.05 -4.78
C VAL B 241 31.21 0.10 -5.05
N ASN B 242 31.46 0.93 -4.03
CA ASN B 242 32.41 2.04 -4.19
C ASN B 242 33.81 1.54 -4.54
N PHE B 243 34.26 0.42 -3.95
CA PHE B 243 35.59 -0.06 -4.28
C PHE B 243 35.68 -0.47 -5.75
N TYR B 244 34.61 -1.07 -6.29
CA TYR B 244 34.61 -1.45 -7.69
C TYR B 244 34.63 -0.23 -8.60
N ILE B 245 33.78 0.77 -8.29
CA ILE B 245 33.78 1.99 -9.09
C ILE B 245 35.17 2.60 -9.11
N ASN B 246 35.78 2.73 -7.93
CA ASN B 246 37.10 3.31 -7.84
C ASN B 246 38.14 2.50 -8.59
N LYS B 247 38.08 1.16 -8.45
CA LYS B 247 39.03 0.30 -9.14
C LYS B 247 38.96 0.49 -10.66
N GLU B 248 37.75 0.62 -11.19
CA GLU B 248 37.58 0.64 -12.64
C GLU B 248 37.73 2.03 -13.25
N THR B 249 37.44 3.08 -12.47
CA THR B 249 37.38 4.44 -12.99
C THR B 249 38.41 5.40 -12.41
N GLY B 250 39.02 5.09 -11.26
CA GLY B 250 39.88 6.04 -10.58
C GLY B 250 39.16 7.16 -9.87
N ILE B 251 37.83 7.16 -9.86
CA ILE B 251 37.13 8.19 -9.11
C ILE B 251 37.43 8.01 -7.62
N PRO B 252 37.73 9.08 -6.89
CA PRO B 252 38.24 8.92 -5.53
C PRO B 252 37.18 8.52 -4.55
N ILE B 253 37.61 7.73 -3.55
CA ILE B 253 36.81 7.42 -2.38
C ILE B 253 37.28 8.31 -1.25
N VAL B 254 36.36 9.00 -0.62
CA VAL B 254 36.66 9.79 0.59
C VAL B 254 35.96 9.11 1.76
N ASP B 255 36.70 8.92 2.85
CA ASP B 255 36.12 8.31 4.04
C ASP B 255 35.42 9.38 4.87
N ILE B 256 34.29 9.03 5.45
CA ILE B 256 33.49 10.00 6.16
C ILE B 256 32.93 9.37 7.44
N PRO B 257 32.78 10.11 8.52
CA PRO B 257 32.32 9.52 9.77
C PRO B 257 30.93 8.91 9.73
N GLY B 258 30.72 7.96 10.66
CA GLY B 258 29.47 7.24 10.76
C GLY B 258 29.33 6.10 9.76
N GLY B 259 28.15 5.46 9.77
CA GLY B 259 27.91 4.36 8.88
C GLY B 259 27.02 4.70 7.72
N HIS B 260 26.14 3.77 7.37
CA HIS B 260 25.19 4.03 6.28
C HIS B 260 24.32 5.25 6.58
N LEU B 261 24.07 5.54 7.85
CA LEU B 261 23.28 6.71 8.24
C LEU B 261 24.17 7.74 8.93
N GLY B 262 25.41 7.86 8.44
CA GLY B 262 26.40 8.65 9.14
C GLY B 262 26.05 10.12 9.25
N TYR B 263 25.29 10.65 8.27
CA TYR B 263 24.97 12.07 8.26
C TYR B 263 24.10 12.47 9.45
N ILE B 264 23.34 11.55 10.03
CA ILE B 264 22.60 11.86 11.25
C ILE B 264 23.26 11.25 12.49
N GLN B 265 24.07 10.21 12.32
CA GLN B 265 24.81 9.66 13.45
C GLN B 265 25.89 10.63 13.96
N LYS B 266 26.66 11.19 13.02
CA LYS B 266 27.80 12.06 13.32
C LYS B 266 27.75 13.27 12.41
N PRO B 267 26.76 14.14 12.58
CA PRO B 267 26.62 15.27 11.64
C PRO B 267 27.78 16.24 11.69
N GLU B 268 28.41 16.48 12.84
CA GLU B 268 29.54 17.41 12.84
C GLU B 268 30.72 16.83 12.04
N GLY B 269 31.06 15.56 12.28
CA GLY B 269 32.17 14.98 11.54
C GLY B 269 31.86 14.82 10.06
N PHE B 270 30.61 14.45 9.74
CA PHE B 270 30.20 14.34 8.35
C PHE B 270 30.35 15.68 7.65
N ALA B 271 29.89 16.75 8.29
CA ALA B 271 29.99 18.07 7.69
C ALA B 271 31.43 18.49 7.50
N ASP B 272 32.30 18.16 8.44
CA ASP B 272 33.69 18.57 8.32
C ASP B 272 34.30 18.01 7.03
N VAL B 273 33.97 16.76 6.70
CA VAL B 273 34.53 16.15 5.49
C VAL B 273 33.93 16.83 4.26
N LEU B 274 32.61 17.05 4.24
CA LEU B 274 32.02 17.74 3.12
C LEU B 274 32.64 19.11 2.91
N LEU B 275 32.90 19.82 4.01
CA LEU B 275 33.52 21.14 3.86
C LEU B 275 34.94 21.02 3.31
N ASN B 276 35.67 20.00 3.71
CA ASN B 276 36.99 19.77 3.13
C ASN B 276 36.88 19.51 1.64
N MET B 277 35.90 18.69 1.26
CA MET B 277 35.70 18.35 -0.14
C MET B 277 35.38 19.60 -0.98
N TRP B 278 34.40 20.40 -0.51
CA TRP B 278 33.68 21.33 -1.35
C TRP B 278 33.67 22.77 -0.87
N GLY B 279 34.05 23.03 0.37
CA GLY B 279 33.92 24.37 0.91
C GLY B 279 35.15 25.21 0.59
O1 WKK C . 20.09 2.28 2.47
B1 WKK C . 21.38 2.03 1.96
C1 WKK C . 21.58 0.46 1.59
C2 WKK C . 22.55 -0.32 2.19
C3 WKK C . 21.21 -1.64 0.38
C4 WKK C . 20.63 -2.62 -0.56
C5 WKK C . 19.61 -2.22 -1.35
C6 WKK C . 19.12 -0.75 -1.23
C7 WKK C . 19.68 0.14 -0.35
C8 WKK C . 20.78 -0.27 0.53
S1 WKK C . 22.59 -1.94 1.60
H1 WKK C . 19.89 1.67 3.15
H3 WKK C . 23.21 0.05 2.97
H4 WKK C . 21.01 -3.63 -0.61
H5 WKK C . 19.15 -2.90 -2.05
H6 WKK C . 18.32 -0.42 -1.86
H7 WKK C . 19.30 1.16 -0.30
O1 WKK D . -7.26 -15.76 0.76
B1 WKK D . -7.83 -14.53 0.86
C1 WKK D . -9.09 -14.26 1.79
C2 WKK D . -9.92 -13.20 1.60
C3 WKK D . -10.59 -14.58 3.59
C4 WKK D . -11.14 -15.20 4.67
C5 WKK D . -10.52 -16.33 5.17
C6 WKK D . -9.35 -16.83 4.55
C7 WKK D . -8.81 -16.22 3.44
C8 WKK D . -9.42 -15.10 2.91
O2 WKK D . -7.27 -13.50 0.19
S1 WKK D . -11.23 -13.13 2.76
H1 WKK D . -7.91 -16.41 0.57
H3 WKK D . -9.78 -12.47 0.81
H4 WKK D . -12.03 -14.80 5.14
H5 WKK D . -10.94 -16.83 6.03
H6 WKK D . -8.88 -17.71 4.96
H7 WKK D . -7.91 -16.61 2.98
H2 WKK D . -7.78 -13.33 -0.59
CA CA E . 13.89 27.21 6.18
CA CA F . 12.85 12.59 -17.18
CA CA G . 23.17 12.29 -20.56
O1 WKK H . 15.62 -2.35 7.84
B1 WKK H . 15.32 -1.53 6.82
C1 WKK H . 16.35 -1.30 5.65
C2 WKK H . 16.19 -0.31 4.73
C3 WKK H . 18.25 -1.71 4.34
C4 WKK H . 19.40 -2.33 3.96
C5 WKK H . 19.83 -3.42 4.70
C6 WKK H . 19.11 -3.86 5.81
C7 WKK H . 17.94 -3.22 6.21
C8 WKK H . 17.50 -2.15 5.48
O2 WKK H . 14.08 -0.99 6.71
S1 WKK H . 17.49 -0.28 3.56
H1 WKK H . 16.33 -1.97 8.34
H3 WKK H . 15.37 0.39 4.74
H4 WKK H . 19.97 -1.98 3.10
H5 WKK H . 20.75 -3.93 4.43
H6 WKK H . 19.46 -4.72 6.38
H7 WKK H . 17.40 -3.56 7.09
H2 WKK H . 14.10 -0.10 6.99
O1 WKK I . -14.97 -13.33 2.80
B1 WKK I . -15.86 -13.78 3.80
C1 WKK I . -15.01 -14.18 5.16
C2 WKK I . -15.00 -15.48 5.61
C3 WKK I . -13.66 -13.86 7.14
C4 WKK I . -12.84 -13.23 8.17
C5 WKK I . -12.63 -11.95 8.07
C6 WKK I . -13.25 -11.19 6.88
C7 WKK I . -13.98 -11.78 5.93
C8 WKK I . -14.24 -13.21 6.00
S1 WKK I . -14.07 -15.66 7.09
H1 WKK I . -14.33 -13.98 2.60
H3 WKK I . -15.51 -16.30 5.13
H4 WKK I . -12.42 -13.81 8.99
H5 WKK I . -12.02 -11.43 8.81
H6 WKK I . -13.10 -10.12 6.82
H7 WKK I . -14.37 -11.19 5.10
#